data_7SSK
#
_entry.id   7SSK
#
_cell.length_a   63.878
_cell.length_b   48.772
_cell.length_c   109.353
_cell.angle_alpha   90.000
_cell.angle_beta   101.180
_cell.angle_gamma   90.000
#
_symmetry.space_group_name_H-M   'P 1 21 1'
#
loop_
_entity.id
_entity.type
_entity.pdbx_description
1 polymer 'Histone acetyltransferase p300'
2 non-polymer 'ZINC ION'
3 non-polymer 1,2-ETHANEDIOL
4 non-polymer N-[2-(4-methoxyanilino)-2-oxoethyl]-N-methyl-1-phenylcyclopentane-1-carboxamide
5 non-polymer 'ACETATE ION'
6 water water
#
_entity_poly.entity_id   1
_entity_poly.type   'polypeptide(L)'
_entity_poly.pdbx_seq_one_letter_code
;GGHHHHHHGIFKPEELRQALMPTLEALYRQDPESLPFRQPVDPQLLGIPDYFDIVKSPMDLSTIKRKLDTGQYQEPWQYV
DDIWLMFNNAWLYNRKTSRVYKYCSKLSEVFEQEIDPVMQSLGYCCGRKLEFSPQTLCCYGKQLCTIPRDATYYSYQNRY
HFCEKCFNEIQGESVSLGDDPSQPQTTINKEQFSKRKNDTLDPELFVECTECGRKMHQICVLHHEIIWPAGFVCDGCLKK
SARTRKENKFSAKRLPSTRLGTFLENRVNDFLRRQNHPESGEVTVRVVHASDKTVEVKPGMKARFVDSGEMAESFPYRTK
ALFAFEEIDGVDLCFFGMHVQEYGSDCPPPNQRRVYISYLDSVHFFRPKCLRTAVYHEILIGYLEYVKKLGYTTGHIWAC
PPSEGDDYIFHCHPPDQKIPKPKRLQEWFKKMLDKAVSERIVHDYKDIFKQATEDRLTSAKELPYFEGDFWPNVLEESIK
ESGGSGQKLYATMEKHKEVFFVIRLIAGPAANSLPPIVDPDPLIPCDLMDGRDAFLTLARDKHLEFSSLRRAQWSTMCML
VELHTQSQD
;
_entity_poly.pdbx_strand_id   A
#
# COMPACT_ATOMS: atom_id res chain seq x y z
N GLY A 9 17.97 33.92 5.69
CA GLY A 9 19.11 33.20 5.05
C GLY A 9 19.68 32.14 5.97
N ILE A 10 19.92 30.94 5.46
CA ILE A 10 20.58 29.83 6.21
C ILE A 10 22.07 29.82 5.89
N PHE A 11 22.44 30.14 4.64
CA PHE A 11 23.80 29.90 4.11
C PHE A 11 24.47 31.22 3.73
N LYS A 12 25.79 31.31 3.88
CA LYS A 12 26.59 32.35 3.16
C LYS A 12 26.45 32.08 1.66
N PRO A 13 26.17 33.11 0.84
CA PRO A 13 26.15 32.95 -0.62
C PRO A 13 27.31 32.16 -1.24
N GLU A 14 28.54 32.38 -0.79
CA GLU A 14 29.74 31.65 -1.27
C GLU A 14 29.62 30.15 -0.90
N GLU A 15 29.09 29.83 0.26
CA GLU A 15 28.88 28.40 0.66
C GLU A 15 27.90 27.72 -0.32
N LEU A 16 26.75 28.32 -0.57
CA LEU A 16 25.74 27.79 -1.53
C LEU A 16 26.34 27.67 -2.92
N ARG A 17 27.05 28.70 -3.38
CA ARG A 17 27.69 28.69 -4.73
C ARG A 17 28.66 27.51 -4.83
N GLN A 18 29.50 27.26 -3.81
CA GLN A 18 30.60 26.26 -3.91
CA GLN A 18 30.59 26.25 -3.91
C GLN A 18 29.99 24.86 -3.85
N ALA A 19 28.89 24.68 -3.10
CA ALA A 19 28.13 23.40 -3.03
C ALA A 19 27.36 23.11 -4.33
N LEU A 20 26.68 24.08 -4.94
CA LEU A 20 25.79 23.83 -6.11
C LEU A 20 26.53 23.96 -7.45
N MET A 21 27.52 24.84 -7.56
CA MET A 21 28.16 25.16 -8.86
C MET A 21 28.64 23.88 -9.55
N PRO A 22 29.32 22.95 -8.87
CA PRO A 22 29.68 21.66 -9.49
C PRO A 22 28.55 20.82 -10.10
N THR A 23 27.34 20.87 -9.54
CA THR A 23 26.18 20.18 -10.13
C THR A 23 25.77 20.90 -11.44
N LEU A 24 25.94 22.22 -11.49
CA LEU A 24 25.61 22.94 -12.73
C LEU A 24 26.66 22.58 -13.80
N GLU A 25 27.94 22.58 -13.42
CA GLU A 25 29.09 22.31 -14.30
C GLU A 25 28.99 20.86 -14.82
N ALA A 26 28.51 19.92 -14.01
CA ALA A 26 28.20 18.55 -14.48
C ALA A 26 27.24 18.60 -15.70
N LEU A 27 26.19 19.42 -15.67
CA LEU A 27 25.23 19.55 -16.80
C LEU A 27 25.90 20.24 -18.00
N TYR A 28 26.56 21.39 -17.77
CA TYR A 28 27.26 22.14 -18.84
C TYR A 28 28.26 21.21 -19.59
N ARG A 29 29.02 20.38 -18.88
CA ARG A 29 30.06 19.51 -19.47
C ARG A 29 29.44 18.43 -20.38
N GLN A 30 28.17 18.02 -20.16
CA GLN A 30 27.51 16.98 -21.01
C GLN A 30 27.25 17.56 -22.39
N ASP A 31 27.98 17.09 -23.39
CA ASP A 31 27.98 17.63 -24.77
C ASP A 31 27.85 16.41 -25.67
N PRO A 32 26.82 16.28 -26.53
CA PRO A 32 25.94 17.39 -26.94
C PRO A 32 24.68 17.71 -26.13
N GLU A 33 24.38 16.98 -25.05
CA GLU A 33 23.04 17.00 -24.41
C GLU A 33 22.79 18.38 -23.80
N SER A 34 23.82 19.10 -23.36
CA SER A 34 23.67 20.49 -22.81
C SER A 34 23.56 21.53 -23.93
N LEU A 35 23.80 21.20 -25.19
CA LEU A 35 23.91 22.29 -26.21
C LEU A 35 22.63 23.12 -26.34
N PRO A 36 21.40 22.52 -26.33
CA PRO A 36 20.16 23.31 -26.40
C PRO A 36 19.82 24.13 -25.13
N PHE A 37 20.54 23.88 -24.02
CA PHE A 37 20.23 24.38 -22.65
C PHE A 37 21.26 25.44 -22.20
N ARG A 38 22.30 25.76 -22.99
CA ARG A 38 23.42 26.62 -22.50
C ARG A 38 23.04 28.10 -22.47
N GLN A 39 22.15 28.56 -23.35
CA GLN A 39 21.89 30.01 -23.49
C GLN A 39 20.38 30.15 -23.56
N PRO A 40 19.84 31.35 -23.24
CA PRO A 40 18.42 31.62 -23.42
C PRO A 40 18.02 31.25 -24.84
N VAL A 41 16.95 30.46 -24.98
CA VAL A 41 16.33 30.12 -26.28
C VAL A 41 16.02 31.46 -26.98
N ASP A 42 16.49 31.61 -28.21
CA ASP A 42 16.11 32.76 -29.08
C ASP A 42 15.19 32.23 -30.18
N PRO A 43 13.86 32.33 -30.03
CA PRO A 43 12.94 31.67 -30.96
C PRO A 43 13.09 32.10 -32.43
N GLN A 44 13.53 33.35 -32.70
CA GLN A 44 13.69 33.90 -34.09
C GLN A 44 14.80 33.09 -34.76
N LEU A 45 16.00 33.14 -34.17
CA LEU A 45 17.22 32.47 -34.64
C LEU A 45 16.97 30.95 -34.76
N LEU A 46 16.14 30.34 -33.93
CA LEU A 46 15.89 28.88 -33.98
C LEU A 46 14.70 28.54 -34.88
N GLY A 47 13.99 29.55 -35.43
CA GLY A 47 12.74 29.40 -36.21
C GLY A 47 11.64 28.63 -35.46
N ILE A 48 11.42 28.92 -34.17
CA ILE A 48 10.32 28.31 -33.35
C ILE A 48 9.50 29.45 -32.74
N PRO A 49 8.82 30.24 -33.58
CA PRO A 49 8.16 31.47 -33.13
C PRO A 49 7.06 31.24 -32.09
N ASP A 50 6.55 30.01 -31.96
CA ASP A 50 5.51 29.68 -30.96
C ASP A 50 6.14 29.35 -29.61
N TYR A 51 7.44 29.49 -29.43
CA TYR A 51 8.16 28.97 -28.24
C TYR A 51 7.56 29.63 -26.99
N PHE A 52 7.51 30.96 -26.99
CA PHE A 52 7.01 31.80 -25.86
C PHE A 52 5.49 31.69 -25.72
N ASP A 53 4.73 31.21 -26.72
CA ASP A 53 3.28 30.92 -26.49
C ASP A 53 3.11 29.69 -25.61
N ILE A 54 4.08 28.77 -25.60
CA ILE A 54 4.03 27.46 -24.89
CA ILE A 54 3.96 27.48 -24.85
C ILE A 54 4.77 27.59 -23.55
N VAL A 55 5.96 28.20 -23.62
CA VAL A 55 6.91 28.33 -22.47
C VAL A 55 6.84 29.77 -21.98
N LYS A 56 6.30 29.95 -20.76
CA LYS A 56 6.05 31.27 -20.15
C LYS A 56 7.20 31.64 -19.22
N SER A 57 7.89 30.65 -18.66
CA SER A 57 9.04 30.87 -17.75
C SER A 57 10.29 30.22 -18.31
N PRO A 58 10.92 30.79 -19.35
CA PRO A 58 12.16 30.21 -19.87
C PRO A 58 13.25 30.16 -18.78
N MET A 59 14.12 29.18 -18.87
CA MET A 59 15.27 29.01 -17.96
C MET A 59 16.33 28.20 -18.70
N ASP A 60 17.60 28.53 -18.50
CA ASP A 60 18.76 27.90 -19.16
C ASP A 60 19.96 27.96 -18.19
N LEU A 61 21.02 27.21 -18.49
CA LEU A 61 22.19 27.03 -17.63
C LEU A 61 22.92 28.36 -17.38
N SER A 62 23.06 29.25 -18.37
CA SER A 62 23.78 30.54 -18.19
C SER A 62 23.00 31.40 -17.19
N THR A 63 21.67 31.37 -17.23
CA THR A 63 20.82 32.14 -16.32
C THR A 63 21.04 31.60 -14.90
N ILE A 64 20.90 30.29 -14.71
CA ILE A 64 21.11 29.62 -13.39
C ILE A 64 22.51 29.94 -12.88
N LYS A 65 23.54 29.92 -13.74
CA LYS A 65 24.93 30.24 -13.31
C LYS A 65 24.98 31.67 -12.77
N ARG A 66 24.34 32.64 -13.46
CA ARG A 66 24.35 34.07 -13.09
C ARG A 66 23.60 34.28 -11.78
N LYS A 67 22.58 33.47 -11.52
CA LYS A 67 21.80 33.53 -10.26
C LYS A 67 22.66 33.02 -9.10
N LEU A 68 23.41 31.95 -9.33
CA LEU A 68 24.35 31.38 -8.34
C LEU A 68 25.44 32.38 -8.01
N ASP A 69 26.00 32.99 -9.05
CA ASP A 69 27.16 33.91 -8.97
C ASP A 69 26.81 35.22 -8.28
N THR A 70 25.56 35.64 -8.34
CA THR A 70 25.13 36.98 -7.85
C THR A 70 24.37 36.83 -6.52
N GLY A 71 24.38 35.65 -5.94
CA GLY A 71 23.76 35.36 -4.64
C GLY A 71 22.27 35.39 -4.75
N GLN A 72 21.69 35.12 -5.91
CA GLN A 72 20.21 35.24 -6.01
C GLN A 72 19.51 34.06 -5.29
N TYR A 73 20.08 32.86 -5.20
CA TYR A 73 19.40 31.69 -4.57
C TYR A 73 19.59 31.80 -3.07
N GLN A 74 18.50 31.82 -2.30
CA GLN A 74 18.55 32.02 -0.82
C GLN A 74 18.64 30.65 -0.15
N GLU A 75 18.04 29.65 -0.74
CA GLU A 75 18.13 28.26 -0.23
C GLU A 75 18.14 27.35 -1.46
N PRO A 76 18.81 26.19 -1.38
CA PRO A 76 19.09 25.41 -2.60
C PRO A 76 17.89 24.84 -3.35
N TRP A 77 16.72 24.67 -2.74
CA TRP A 77 15.53 24.20 -3.49
C TRP A 77 15.20 25.17 -4.62
N GLN A 78 15.45 26.47 -4.45
CA GLN A 78 15.24 27.49 -5.50
C GLN A 78 16.06 27.16 -6.76
N TYR A 79 17.30 26.69 -6.53
CA TYR A 79 18.20 26.22 -7.58
C TYR A 79 17.60 24.97 -8.19
N VAL A 80 17.32 23.95 -7.39
CA VAL A 80 16.73 22.69 -7.93
C VAL A 80 15.49 23.01 -8.79
N ASP A 81 14.60 23.88 -8.30
CA ASP A 81 13.37 24.32 -9.01
C ASP A 81 13.71 24.87 -10.42
N ASP A 82 14.77 25.68 -10.58
CA ASP A 82 15.14 26.33 -11.87
C ASP A 82 15.67 25.24 -12.83
N ILE A 83 16.44 24.30 -12.27
CA ILE A 83 16.86 23.08 -13.02
C ILE A 83 15.62 22.36 -13.56
N TRP A 84 14.66 21.98 -12.71
CA TRP A 84 13.45 21.23 -13.19
C TRP A 84 12.51 22.12 -14.01
N LEU A 85 12.55 23.43 -13.85
CA LEU A 85 11.79 24.33 -14.75
C LEU A 85 12.38 24.21 -16.15
N MET A 86 13.71 24.12 -16.22
CA MET A 86 14.44 24.13 -17.50
C MET A 86 14.15 22.78 -18.17
N PHE A 87 14.16 21.69 -17.42
CA PHE A 87 13.87 20.35 -18.00
C PHE A 87 12.40 20.30 -18.44
N ASN A 88 11.50 20.80 -17.60
CA ASN A 88 10.06 20.67 -17.91
C ASN A 88 9.71 21.41 -19.19
N ASN A 89 10.30 22.58 -19.43
CA ASN A 89 10.00 23.41 -20.61
C ASN A 89 10.36 22.57 -21.84
N ALA A 90 11.48 21.88 -21.82
CA ALA A 90 11.97 21.13 -22.99
C ALA A 90 11.06 19.94 -23.23
N TRP A 91 10.65 19.24 -22.18
CA TRP A 91 9.69 18.11 -22.30
C TRP A 91 8.29 18.62 -22.69
N LEU A 92 7.92 19.84 -22.32
CA LEU A 92 6.60 20.41 -22.74
C LEU A 92 6.66 20.75 -24.24
N TYR A 93 7.71 21.44 -24.67
CA TYR A 93 7.77 22.04 -26.02
C TYR A 93 8.10 20.98 -27.08
N ASN A 94 9.04 20.07 -26.80
CA ASN A 94 9.64 19.14 -27.79
C ASN A 94 8.89 17.79 -27.78
N ARG A 95 8.76 17.15 -28.94
CA ARG A 95 8.17 15.80 -29.08
C ARG A 95 9.01 14.78 -28.30
N LYS A 96 8.35 13.74 -27.75
CA LYS A 96 8.99 12.59 -27.08
C LYS A 96 10.10 11.97 -27.93
N THR A 97 9.97 11.91 -29.25
CA THR A 97 10.94 11.22 -30.14
C THR A 97 12.04 12.19 -30.57
N SER A 98 11.93 13.48 -30.22
CA SER A 98 12.90 14.52 -30.63
C SER A 98 14.25 14.31 -29.91
N ARG A 99 15.28 14.82 -30.57
CA ARG A 99 16.68 14.82 -30.10
C ARG A 99 16.72 15.64 -28.79
N VAL A 100 16.12 16.82 -28.76
CA VAL A 100 16.19 17.73 -27.57
C VAL A 100 15.53 17.07 -26.35
N TYR A 101 14.36 16.45 -26.55
CA TYR A 101 13.64 15.69 -25.50
C TYR A 101 14.61 14.65 -24.91
N LYS A 102 15.27 13.88 -25.76
CA LYS A 102 16.13 12.76 -25.32
C LYS A 102 17.35 13.31 -24.57
N TYR A 103 17.96 14.37 -25.09
CA TYR A 103 19.04 15.13 -24.43
C TYR A 103 18.56 15.63 -23.06
N CYS A 104 17.36 16.19 -22.98
CA CYS A 104 16.83 16.69 -21.67
C CYS A 104 16.74 15.54 -20.66
N SER A 105 16.31 14.36 -21.11
CA SER A 105 16.16 13.16 -20.22
C SER A 105 17.54 12.72 -19.72
N LYS A 106 18.53 12.71 -20.62
CA LYS A 106 19.92 12.45 -20.21
C LYS A 106 20.33 13.44 -19.12
N LEU A 107 20.15 14.75 -19.30
CA LEU A 107 20.64 15.74 -18.31
C LEU A 107 19.92 15.53 -16.96
N SER A 108 18.60 15.34 -16.97
CA SER A 108 17.83 15.01 -15.75
C SER A 108 18.42 13.79 -15.05
N GLU A 109 18.78 12.74 -15.79
CA GLU A 109 19.45 11.54 -15.16
C GLU A 109 20.80 11.96 -14.54
N VAL A 110 21.66 12.73 -15.23
CA VAL A 110 22.96 13.21 -14.66
C VAL A 110 22.65 14.11 -13.45
N PHE A 111 21.61 14.94 -13.53
CA PHE A 111 21.29 15.84 -12.40
C PHE A 111 20.92 15.03 -11.15
N GLU A 112 20.04 14.02 -11.29
CA GLU A 112 19.54 13.15 -10.19
C GLU A 112 20.75 12.60 -9.42
N GLN A 113 21.73 12.04 -10.11
CA GLN A 113 22.99 11.50 -9.52
C GLN A 113 23.81 12.58 -8.78
N GLU A 114 23.88 13.80 -9.30
CA GLU A 114 24.86 14.80 -8.78
C GLU A 114 24.28 15.48 -7.54
N ILE A 115 22.95 15.70 -7.53
CA ILE A 115 22.30 16.69 -6.63
C ILE A 115 22.12 16.04 -5.25
N ASP A 116 21.75 14.78 -5.28
CA ASP A 116 21.51 13.98 -4.06
C ASP A 116 22.63 14.16 -3.04
N PRO A 117 23.89 13.72 -3.31
CA PRO A 117 24.90 13.80 -2.26
C PRO A 117 25.15 15.25 -1.86
N VAL A 118 24.99 16.21 -2.76
CA VAL A 118 25.21 17.66 -2.46
C VAL A 118 24.16 18.19 -1.46
N MET A 119 22.89 17.93 -1.73
CA MET A 119 21.75 18.33 -0.87
C MET A 119 21.84 17.62 0.49
N GLN A 120 22.29 16.37 0.51
CA GLN A 120 22.52 15.68 1.79
C GLN A 120 23.70 16.30 2.54
N SER A 121 24.76 16.74 1.86
CA SER A 121 25.90 17.43 2.51
CA SER A 121 25.91 17.44 2.50
C SER A 121 25.47 18.76 3.16
N LEU A 122 24.48 19.46 2.58
CA LEU A 122 23.93 20.72 3.17
C LEU A 122 22.82 20.43 4.19
N GLY A 123 22.56 19.17 4.56
CA GLY A 123 21.66 18.81 5.67
C GLY A 123 20.22 18.65 5.23
N TYR A 124 19.99 18.32 3.97
CA TYR A 124 18.64 18.10 3.43
C TYR A 124 18.38 16.60 3.34
N CYS A 125 17.11 16.24 3.30
CA CYS A 125 16.58 14.87 3.14
C CYS A 125 17.15 14.29 1.86
N CYS A 126 17.04 15.04 0.74
CA CYS A 126 17.43 14.60 -0.63
C CYS A 126 17.41 15.83 -1.54
N GLY A 127 17.63 15.63 -2.84
CA GLY A 127 17.65 16.70 -3.86
C GLY A 127 16.61 16.49 -4.94
N ARG A 128 15.62 15.64 -4.69
CA ARG A 128 14.73 15.13 -5.75
C ARG A 128 13.54 16.07 -5.91
N LYS A 129 13.10 16.31 -7.15
CA LYS A 129 11.82 16.97 -7.50
C LYS A 129 10.77 15.87 -7.57
N LEU A 130 9.75 15.88 -6.71
CA LEU A 130 8.87 14.69 -6.53
C LEU A 130 7.42 15.09 -6.72
N GLU A 131 6.72 14.31 -7.54
CA GLU A 131 5.28 14.44 -7.81
C GLU A 131 4.58 13.10 -7.52
N PHE A 132 3.29 13.16 -7.21
CA PHE A 132 2.49 11.95 -6.92
C PHE A 132 2.17 11.21 -8.22
N SER A 133 1.73 9.96 -8.07
CA SER A 133 1.24 9.08 -9.17
C SER A 133 -0.02 9.68 -9.79
N PRO A 134 -0.25 9.48 -11.10
CA PRO A 134 -1.56 9.74 -11.72
C PRO A 134 -2.67 8.90 -11.07
N GLN A 135 -3.85 9.50 -10.80
CA GLN A 135 -4.98 8.85 -10.07
C GLN A 135 -6.34 9.30 -10.64
N THR A 200 -1.77 16.30 -15.41
CA THR A 200 -1.14 17.23 -14.42
C THR A 200 -0.82 16.44 -13.14
N LEU A 201 0.35 16.67 -12.52
CA LEU A 201 0.80 15.89 -11.32
C LEU A 201 0.84 16.79 -10.08
N ASP A 202 0.23 16.33 -8.99
CA ASP A 202 0.28 16.97 -7.66
C ASP A 202 1.71 16.90 -7.13
N PRO A 203 2.29 18.05 -6.72
CA PRO A 203 3.63 18.07 -6.15
C PRO A 203 3.65 17.48 -4.73
N GLU A 204 4.74 16.79 -4.34
CA GLU A 204 4.99 16.41 -2.92
C GLU A 204 5.15 17.69 -2.09
N LEU A 205 4.69 17.66 -0.85
CA LEU A 205 4.69 18.80 0.08
C LEU A 205 6.01 18.83 0.84
N PHE A 206 6.40 20.03 1.29
CA PHE A 206 7.58 20.30 2.15
C PHE A 206 7.16 20.74 3.56
N VAL A 207 7.97 20.44 4.56
CA VAL A 207 7.83 20.97 5.94
C VAL A 207 9.08 21.76 6.28
N GLU A 208 8.99 22.70 7.21
CA GLU A 208 10.13 23.60 7.54
C GLU A 208 10.60 23.32 8.97
N CYS A 209 11.90 23.08 9.12
CA CYS A 209 12.56 22.97 10.44
C CYS A 209 12.38 24.29 11.18
N THR A 210 11.75 24.24 12.35
CA THR A 210 11.50 25.44 13.17
C THR A 210 12.82 26.02 13.68
N GLU A 211 13.85 25.20 13.91
CA GLU A 211 15.16 25.65 14.43
C GLU A 211 16.00 26.27 13.31
N CYS A 212 16.17 25.64 12.16
CA CYS A 212 17.20 26.08 11.19
C CYS A 212 16.58 26.71 9.95
N GLY A 213 15.29 26.49 9.67
CA GLY A 213 14.59 27.02 8.49
C GLY A 213 14.74 26.18 7.21
N ARG A 214 15.43 25.05 7.24
CA ARG A 214 15.53 24.20 6.02
C ARG A 214 14.16 23.58 5.75
N LYS A 215 13.78 23.52 4.47
CA LYS A 215 12.57 22.84 3.95
C LYS A 215 12.96 21.42 3.55
N MET A 216 12.09 20.46 3.80
CA MET A 216 12.36 19.02 3.54
C MET A 216 11.06 18.35 3.12
N HIS A 217 11.12 17.34 2.29
CA HIS A 217 9.93 16.54 1.94
C HIS A 217 9.29 16.05 3.24
N GLN A 218 8.02 16.36 3.40
CA GLN A 218 7.13 15.79 4.44
C GLN A 218 7.27 14.27 4.48
N ILE A 219 7.39 13.63 3.32
CA ILE A 219 7.49 12.14 3.17
C ILE A 219 8.90 11.65 3.55
N CYS A 220 9.95 12.41 3.21
CA CYS A 220 11.33 12.02 3.57
C CYS A 220 11.49 12.03 5.10
N VAL A 221 10.93 13.01 5.83
CA VAL A 221 11.19 13.25 7.29
C VAL A 221 10.02 12.73 8.13
N LEU A 222 8.92 12.29 7.52
CA LEU A 222 7.78 11.65 8.22
C LEU A 222 7.34 12.59 9.35
N HIS A 223 7.11 13.86 9.01
CA HIS A 223 6.59 14.88 9.93
C HIS A 223 5.07 14.98 9.74
N HIS A 224 4.32 14.61 10.78
CA HIS A 224 2.84 14.66 10.82
C HIS A 224 2.44 15.68 11.90
N GLU A 225 1.60 16.66 11.54
CA GLU A 225 1.14 17.76 12.42
C GLU A 225 0.43 17.25 13.67
N ILE A 226 -0.23 16.08 13.61
CA ILE A 226 -1.03 15.56 14.76
C ILE A 226 -0.07 14.92 15.76
N ILE A 227 0.94 14.21 15.27
CA ILE A 227 1.98 13.55 16.10
C ILE A 227 2.91 14.59 16.74
N TRP A 228 3.23 15.67 16.03
CA TRP A 228 4.22 16.70 16.48
C TRP A 228 3.67 18.07 16.21
N PRO A 229 2.69 18.55 17.01
CA PRO A 229 2.06 19.85 16.74
C PRO A 229 2.93 21.11 16.88
N ALA A 230 4.03 21.05 17.63
CA ALA A 230 4.93 22.20 17.88
C ALA A 230 5.78 22.44 16.62
N GLY A 231 5.86 21.45 15.74
CA GLY A 231 6.44 21.61 14.40
C GLY A 231 7.53 20.60 14.16
N PHE A 232 8.17 20.69 13.00
CA PHE A 232 9.24 19.79 12.55
C PHE A 232 10.60 20.32 13.04
N VAL A 233 11.39 19.46 13.68
CA VAL A 233 12.82 19.76 13.97
C VAL A 233 13.69 18.65 13.36
N CYS A 234 14.64 19.07 12.49
CA CYS A 234 15.44 18.12 11.69
C CYS A 234 16.41 17.43 12.66
N ASP A 235 16.87 16.26 12.26
CA ASP A 235 17.87 15.42 12.99
C ASP A 235 19.11 16.26 13.29
N GLY A 236 19.59 17.02 12.32
CA GLY A 236 20.77 17.87 12.50
C GLY A 236 20.58 18.86 13.63
N CYS A 237 19.40 19.46 13.74
CA CYS A 237 19.15 20.48 14.80
C CYS A 237 18.98 19.80 16.16
N LEU A 238 18.37 18.61 16.19
CA LEU A 238 18.13 17.81 17.42
C LEU A 238 19.49 17.38 17.99
N LYS A 239 20.34 16.81 17.13
CA LYS A 239 21.71 16.36 17.52
C LYS A 239 22.46 17.58 18.10
N LYS A 240 22.37 18.72 17.44
CA LYS A 240 23.07 19.98 17.81
C LYS A 240 22.70 20.35 19.26
N SER A 241 21.46 20.11 19.66
CA SER A 241 20.88 20.52 20.97
C SER A 241 20.72 19.32 21.92
N ALA A 242 21.34 18.18 21.62
CA ALA A 242 21.33 16.97 22.47
C ALA A 242 19.89 16.56 22.83
N ARG A 243 18.97 16.57 21.87
CA ARG A 243 17.58 16.06 22.05
C ARG A 243 17.31 14.96 21.02
N THR A 244 16.40 14.05 21.33
CA THR A 244 15.83 13.10 20.33
C THR A 244 14.38 13.51 20.04
N ARG A 245 13.83 13.04 18.92
CA ARG A 245 12.45 13.34 18.51
C ARG A 245 11.52 12.71 19.55
N LYS A 246 10.52 13.45 20.02
CA LYS A 246 9.39 12.96 20.86
C LYS A 246 8.81 11.73 20.19
N GLU A 247 8.65 10.64 20.96
CA GLU A 247 8.21 9.31 20.46
C GLU A 247 6.90 9.47 19.70
N ASN A 248 6.72 8.67 18.65
CA ASN A 248 5.42 8.55 17.93
C ASN A 248 4.53 7.60 18.73
N LYS A 249 3.56 8.12 19.48
CA LYS A 249 2.61 7.29 20.26
C LYS A 249 1.52 6.76 19.32
N PHE A 250 1.45 7.21 18.06
CA PHE A 250 0.35 6.81 17.14
C PHE A 250 0.80 5.60 16.31
N SER A 251 1.47 4.66 16.97
CA SER A 251 2.17 3.48 16.39
C SER A 251 1.18 2.33 16.22
N ALA A 252 1.59 1.34 15.43
CA ALA A 252 0.84 0.11 15.16
C ALA A 252 0.79 -0.74 16.44
N LYS A 253 1.92 -0.84 17.17
CA LYS A 253 1.99 -1.63 18.42
C LYS A 253 0.98 -1.08 19.44
N ARG A 254 0.73 0.23 19.47
CA ARG A 254 -0.13 0.87 20.52
C ARG A 254 -1.61 0.87 20.09
N LEU A 255 -1.95 0.42 18.89
CA LEU A 255 -3.37 0.13 18.52
C LEU A 255 -3.87 -0.94 19.49
N PRO A 256 -5.15 -0.86 19.93
CA PRO A 256 -5.71 -1.85 20.85
C PRO A 256 -5.62 -3.30 20.33
N SER A 257 -5.08 -4.18 21.17
CA SER A 257 -4.87 -5.60 20.83
C SER A 257 -6.19 -6.36 20.91
N THR A 258 -6.21 -7.51 20.26
CA THR A 258 -7.32 -8.49 20.23
C THR A 258 -6.68 -9.86 20.40
N ARG A 259 -7.47 -10.85 20.83
CA ARG A 259 -7.03 -12.25 20.95
C ARG A 259 -6.62 -12.73 19.55
N LEU A 260 -7.38 -12.37 18.53
CA LEU A 260 -7.06 -12.75 17.13
C LEU A 260 -5.71 -12.13 16.71
N GLY A 261 -5.53 -10.83 16.91
CA GLY A 261 -4.30 -10.10 16.53
C GLY A 261 -3.10 -10.70 17.22
N THR A 262 -3.19 -10.91 18.53
CA THR A 262 -2.11 -11.49 19.34
C THR A 262 -1.76 -12.89 18.83
N PHE A 263 -2.76 -13.72 18.60
CA PHE A 263 -2.51 -15.09 18.11
C PHE A 263 -1.76 -15.03 16.77
N LEU A 264 -2.19 -14.20 15.82
CA LEU A 264 -1.50 -14.10 14.51
C LEU A 264 -0.07 -13.57 14.68
N GLU A 265 0.16 -12.48 15.42
CA GLU A 265 1.53 -11.89 15.46
C GLU A 265 2.44 -12.82 16.24
N ASN A 266 1.94 -13.48 17.29
CA ASN A 266 2.76 -14.48 18.05
C ASN A 266 3.16 -15.59 17.08
N ARG A 267 2.30 -16.01 16.18
CA ARG A 267 2.70 -17.07 15.23
C ARG A 267 3.77 -16.52 14.27
N VAL A 268 3.59 -15.29 13.78
CA VAL A 268 4.53 -14.68 12.80
C VAL A 268 5.91 -14.45 13.45
N ASN A 269 5.97 -13.88 14.64
CA ASN A 269 7.24 -13.56 15.35
C ASN A 269 7.92 -14.85 15.87
N ASP A 270 7.17 -15.86 16.30
CA ASP A 270 7.78 -17.17 16.66
CA ASP A 270 7.78 -17.17 16.66
C ASP A 270 8.53 -17.67 15.42
N PHE A 271 7.86 -17.69 14.28
CA PHE A 271 8.45 -18.16 13.00
C PHE A 271 9.71 -17.34 12.67
N LEU A 272 9.64 -16.01 12.76
CA LEU A 272 10.77 -15.13 12.36
C LEU A 272 11.96 -15.33 13.31
N ARG A 273 11.74 -15.47 14.61
CA ARG A 273 12.83 -15.71 15.60
C ARG A 273 13.55 -17.02 15.26
N ARG A 274 12.80 -18.08 14.95
CA ARG A 274 13.35 -19.42 14.53
C ARG A 274 14.20 -19.23 13.27
N GLN A 275 13.84 -18.32 12.37
CA GLN A 275 14.66 -18.07 11.15
C GLN A 275 15.94 -17.32 11.52
N ASN A 276 15.85 -16.37 12.46
CA ASN A 276 17.03 -15.67 13.03
C ASN A 276 17.77 -14.95 11.90
N HIS A 277 17.03 -14.35 10.97
CA HIS A 277 17.58 -13.50 9.88
C HIS A 277 17.76 -12.09 10.42
N PRO A 278 18.95 -11.47 10.22
CA PRO A 278 19.22 -10.16 10.82
C PRO A 278 18.33 -9.01 10.29
N GLU A 279 17.85 -9.11 9.06
CA GLU A 279 17.07 -8.03 8.42
C GLU A 279 15.63 -7.97 9.01
N SER A 280 15.08 -9.03 9.60
CA SER A 280 13.63 -9.06 9.96
CA SER A 280 13.65 -9.12 10.02
C SER A 280 13.34 -8.08 11.11
N GLY A 281 12.21 -7.39 11.02
CA GLY A 281 11.73 -6.57 12.13
C GLY A 281 10.62 -7.29 12.88
N GLU A 282 10.30 -6.83 14.09
CA GLU A 282 9.07 -7.22 14.80
C GLU A 282 7.89 -7.01 13.83
N VAL A 283 6.89 -7.89 13.91
CA VAL A 283 5.61 -7.79 13.16
C VAL A 283 4.50 -7.53 14.19
N THR A 284 3.56 -6.67 13.81
CA THR A 284 2.34 -6.33 14.57
C THR A 284 1.15 -6.75 13.68
N VAL A 285 0.18 -7.42 14.27
CA VAL A 285 -1.12 -7.70 13.61
C VAL A 285 -2.19 -7.08 14.49
N ARG A 286 -2.99 -6.20 13.89
CA ARG A 286 -4.10 -5.53 14.59
C ARG A 286 -5.37 -5.73 13.80
N VAL A 287 -6.39 -6.27 14.47
CA VAL A 287 -7.81 -6.21 14.04
C VAL A 287 -8.23 -4.76 14.23
N VAL A 288 -8.68 -4.09 13.17
CA VAL A 288 -8.96 -2.63 13.24
C VAL A 288 -10.45 -2.36 12.96
N HIS A 289 -11.19 -3.38 12.53
CA HIS A 289 -12.67 -3.36 12.31
C HIS A 289 -13.30 -4.73 12.62
N ALA A 290 -14.46 -4.67 13.27
CA ALA A 290 -15.30 -5.80 13.72
C ALA A 290 -16.71 -5.26 13.95
N SER A 291 -17.62 -5.59 13.03
CA SER A 291 -19.05 -5.17 13.07
C SER A 291 -19.92 -6.33 12.60
N ASP A 292 -21.16 -6.39 13.09
CA ASP A 292 -22.15 -7.41 12.68
C ASP A 292 -22.93 -6.87 11.48
N LYS A 293 -23.10 -7.68 10.44
CA LYS A 293 -23.81 -7.30 9.21
C LYS A 293 -24.80 -8.41 8.81
N THR A 294 -25.48 -8.22 7.68
CA THR A 294 -26.33 -9.25 7.01
C THR A 294 -26.12 -9.16 5.50
N VAL A 295 -26.08 -10.31 4.82
CA VAL A 295 -26.13 -10.40 3.34
C VAL A 295 -27.54 -10.87 2.96
N GLU A 296 -28.32 -10.01 2.32
CA GLU A 296 -29.70 -10.32 1.83
C GLU A 296 -29.59 -11.13 0.52
N VAL A 297 -30.39 -12.19 0.38
CA VAL A 297 -30.48 -13.04 -0.85
C VAL A 297 -31.10 -12.20 -1.97
N LYS A 298 -30.38 -12.05 -3.07
CA LYS A 298 -30.70 -11.11 -4.19
C LYS A 298 -32.03 -11.52 -4.82
N PRO A 299 -32.77 -10.56 -5.46
CA PRO A 299 -34.18 -10.75 -5.80
C PRO A 299 -34.49 -12.03 -6.62
N GLY A 300 -33.70 -12.27 -7.67
CA GLY A 300 -33.85 -13.37 -8.64
C GLY A 300 -33.71 -14.76 -8.04
N MET A 301 -33.19 -14.88 -6.80
CA MET A 301 -33.21 -16.18 -6.06
C MET A 301 -34.11 -16.06 -4.82
N LYS A 302 -34.46 -14.86 -4.36
CA LYS A 302 -35.50 -14.68 -3.32
C LYS A 302 -36.83 -15.20 -3.87
N ALA A 303 -37.11 -14.90 -5.15
CA ALA A 303 -38.34 -15.33 -5.88
C ALA A 303 -38.46 -16.86 -5.85
N ARG A 304 -37.38 -17.59 -6.20
CA ARG A 304 -37.35 -19.08 -6.27
C ARG A 304 -37.44 -19.68 -4.86
N PHE A 305 -36.43 -19.47 -4.01
CA PHE A 305 -36.17 -20.32 -2.82
C PHE A 305 -36.63 -19.66 -1.50
N VAL A 306 -36.59 -18.33 -1.39
CA VAL A 306 -36.88 -17.61 -0.10
C VAL A 306 -38.39 -17.44 0.05
N ASP A 307 -39.03 -16.78 -0.92
CA ASP A 307 -40.47 -16.40 -0.90
C ASP A 307 -41.32 -17.65 -0.63
N SER A 308 -40.99 -18.78 -1.24
CA SER A 308 -41.62 -20.11 -1.01
C SER A 308 -41.54 -20.48 0.47
N GLY A 309 -40.45 -20.09 1.15
CA GLY A 309 -40.23 -20.33 2.59
C GLY A 309 -39.27 -21.49 2.82
N GLU A 310 -38.42 -21.81 1.83
CA GLU A 310 -37.48 -22.96 1.83
C GLU A 310 -36.13 -22.50 2.40
N MET A 311 -35.53 -21.49 1.78
CA MET A 311 -34.23 -20.87 2.16
C MET A 311 -34.51 -19.64 3.04
N ALA A 312 -33.61 -19.36 4.01
CA ALA A 312 -33.67 -18.15 4.87
C ALA A 312 -33.46 -16.90 4.00
N GLU A 313 -33.99 -15.76 4.43
CA GLU A 313 -33.99 -14.49 3.65
C GLU A 313 -32.58 -13.87 3.63
N SER A 314 -31.92 -13.79 4.79
CA SER A 314 -30.71 -12.98 5.04
C SER A 314 -29.80 -13.66 6.06
N PHE A 315 -28.48 -13.61 5.83
CA PHE A 315 -27.48 -14.36 6.65
C PHE A 315 -26.64 -13.38 7.48
N PRO A 316 -26.70 -13.46 8.83
CA PRO A 316 -25.95 -12.55 9.68
C PRO A 316 -24.48 -13.03 9.75
N TYR A 317 -23.52 -12.11 9.65
CA TYR A 317 -22.07 -12.43 9.77
C TYR A 317 -21.36 -11.31 10.53
N ARG A 318 -20.17 -11.62 11.03
CA ARG A 318 -19.19 -10.61 11.51
C ARG A 318 -18.21 -10.29 10.37
N THR A 319 -18.10 -9.03 9.98
CA THR A 319 -17.00 -8.57 9.06
C THR A 319 -15.84 -8.10 9.94
N LYS A 320 -14.63 -8.61 9.69
CA LYS A 320 -13.39 -8.15 10.37
C LYS A 320 -12.35 -7.64 9.35
N ALA A 321 -11.65 -6.57 9.73
CA ALA A 321 -10.51 -5.99 8.97
C ALA A 321 -9.26 -6.18 9.80
N LEU A 322 -8.21 -6.76 9.20
CA LEU A 322 -6.90 -6.76 9.89
C LEU A 322 -5.73 -6.37 8.97
N PHE A 323 -4.71 -5.82 9.61
CA PHE A 323 -3.45 -5.37 8.98
C PHE A 323 -2.26 -5.93 9.75
N ALA A 324 -1.20 -6.25 9.01
CA ALA A 324 0.13 -6.64 9.53
C ALA A 324 1.15 -5.57 9.15
N PHE A 325 1.96 -5.19 10.12
CA PHE A 325 2.97 -4.13 10.03
C PHE A 325 4.33 -4.71 10.36
N GLU A 326 5.39 -4.11 9.87
CA GLU A 326 6.78 -4.53 10.19
C GLU A 326 7.60 -3.30 10.53
N GLU A 327 8.47 -3.41 11.52
CA GLU A 327 9.55 -2.44 11.77
C GLU A 327 10.55 -2.57 10.64
N ILE A 328 10.68 -1.52 9.84
CA ILE A 328 11.69 -1.35 8.74
C ILE A 328 12.32 0.06 8.90
N ASP A 329 13.64 0.09 9.04
CA ASP A 329 14.47 1.29 9.27
C ASP A 329 13.89 2.10 10.43
N GLY A 330 13.45 1.42 11.49
CA GLY A 330 13.02 2.06 12.75
C GLY A 330 11.57 2.53 12.75
N VAL A 331 10.77 2.32 11.69
CA VAL A 331 9.38 2.88 11.63
C VAL A 331 8.40 1.83 11.14
N ASP A 332 7.09 2.06 11.31
CA ASP A 332 6.00 1.14 10.93
C ASP A 332 5.90 1.06 9.40
N LEU A 333 5.79 -0.15 8.85
CA LEU A 333 5.39 -0.38 7.44
C LEU A 333 4.22 -1.36 7.42
N CYS A 334 3.03 -0.91 6.99
CA CYS A 334 1.85 -1.78 6.72
C CYS A 334 2.12 -2.56 5.41
N PHE A 335 2.15 -3.89 5.45
CA PHE A 335 2.58 -4.69 4.28
C PHE A 335 1.52 -5.72 3.89
N PHE A 336 0.49 -5.92 4.70
CA PHE A 336 -0.57 -6.93 4.42
C PHE A 336 -1.92 -6.44 4.96
N GLY A 337 -2.99 -6.67 4.21
CA GLY A 337 -4.38 -6.39 4.63
C GLY A 337 -5.36 -7.49 4.23
N MET A 338 -6.34 -7.76 5.07
CA MET A 338 -7.32 -8.88 4.90
C MET A 338 -8.68 -8.43 5.43
N HIS A 339 -9.73 -8.66 4.65
CA HIS A 339 -11.16 -8.61 5.11
C HIS A 339 -11.72 -10.04 5.17
N VAL A 340 -12.49 -10.35 6.22
CA VAL A 340 -13.14 -11.69 6.40
C VAL A 340 -14.62 -11.49 6.76
N GLN A 341 -15.44 -12.49 6.42
CA GLN A 341 -16.87 -12.64 6.81
C GLN A 341 -17.02 -13.94 7.61
N GLU A 342 -17.57 -13.86 8.83
CA GLU A 342 -17.59 -15.00 9.78
C GLU A 342 -19.05 -15.37 10.11
N TYR A 343 -19.59 -16.38 9.43
CA TYR A 343 -20.97 -16.89 9.63
C TYR A 343 -20.93 -17.90 10.77
N GLY A 344 -21.36 -17.49 11.97
CA GLY A 344 -21.25 -18.29 13.20
C GLY A 344 -22.26 -19.44 13.29
N SER A 345 -22.48 -19.92 14.53
CA SER A 345 -23.26 -21.14 14.86
C SER A 345 -24.75 -20.82 14.96
N ASP A 346 -25.12 -19.54 15.20
CA ASP A 346 -26.52 -19.03 15.15
C ASP A 346 -26.81 -18.49 13.76
N CYS A 347 -26.27 -19.14 12.72
CA CYS A 347 -26.44 -18.72 11.29
C CYS A 347 -27.09 -19.87 10.53
N PRO A 348 -28.23 -19.63 9.86
CA PRO A 348 -28.90 -20.70 9.12
C PRO A 348 -27.96 -21.27 8.05
N PRO A 349 -28.07 -22.59 7.76
CA PRO A 349 -27.44 -23.18 6.58
C PRO A 349 -27.91 -22.46 5.31
N PRO A 350 -27.13 -22.52 4.21
CA PRO A 350 -25.90 -23.31 4.15
C PRO A 350 -24.65 -22.58 4.65
N ASN A 351 -24.79 -21.47 5.38
CA ASN A 351 -23.66 -20.56 5.74
C ASN A 351 -23.07 -20.95 7.11
N GLN A 352 -23.79 -21.78 7.90
CA GLN A 352 -23.49 -22.12 9.31
C GLN A 352 -22.00 -22.50 9.48
N ARG A 353 -21.33 -21.88 10.46
CA ARG A 353 -19.92 -22.15 10.89
C ARG A 353 -18.91 -21.98 9.72
N ARG A 354 -19.18 -21.08 8.78
CA ARG A 354 -18.24 -20.84 7.64
C ARG A 354 -17.47 -19.52 7.84
N VAL A 355 -16.25 -19.43 7.29
CA VAL A 355 -15.52 -18.13 7.17
C VAL A 355 -15.20 -17.88 5.71
N TYR A 356 -15.34 -16.63 5.26
CA TYR A 356 -15.10 -16.21 3.87
C TYR A 356 -14.11 -15.04 3.85
N ILE A 357 -13.01 -15.20 3.13
CA ILE A 357 -12.02 -14.13 2.83
C ILE A 357 -12.57 -13.22 1.72
N SER A 358 -13.12 -12.06 2.10
CA SER A 358 -13.62 -11.01 1.19
C SER A 358 -12.49 -10.52 0.26
N TYR A 359 -11.34 -10.11 0.81
CA TYR A 359 -10.16 -9.76 -0.04
C TYR A 359 -8.86 -9.75 0.78
N LEU A 360 -7.78 -10.17 0.13
CA LEU A 360 -6.37 -10.07 0.61
C LEU A 360 -5.67 -9.03 -0.24
N ASP A 361 -4.78 -8.23 0.36
CA ASP A 361 -3.83 -7.35 -0.36
C ASP A 361 -2.49 -7.26 0.40
N SER A 362 -1.43 -6.93 -0.33
CA SER A 362 -0.05 -6.78 0.18
C SER A 362 0.69 -5.65 -0.57
N VAL A 363 1.77 -5.19 0.08
CA VAL A 363 2.75 -4.20 -0.42
C VAL A 363 4.11 -4.85 -0.18
N HIS A 364 4.86 -5.07 -1.23
CA HIS A 364 5.95 -6.08 -1.26
C HIS A 364 7.23 -5.62 -0.51
N PHE A 365 7.15 -4.80 0.53
CA PHE A 365 8.39 -4.24 1.15
C PHE A 365 8.81 -5.08 2.35
N PHE A 366 8.19 -6.23 2.65
CA PHE A 366 8.62 -7.11 3.78
C PHE A 366 10.10 -7.45 3.63
N ARG A 367 10.87 -7.29 4.72
CA ARG A 367 12.33 -7.59 4.81
C ARG A 367 12.55 -8.72 5.81
N PRO A 368 13.33 -9.78 5.48
CA PRO A 368 13.93 -9.96 4.17
C PRO A 368 12.94 -10.53 3.15
N LYS A 369 13.14 -10.19 1.87
CA LYS A 369 12.46 -10.71 0.64
C LYS A 369 12.26 -12.24 0.72
N CYS A 370 13.29 -12.98 1.12
CA CYS A 370 13.30 -14.48 1.15
C CYS A 370 12.24 -15.03 2.12
N LEU A 371 11.71 -14.24 3.08
CA LEU A 371 10.70 -14.74 4.06
C LEU A 371 9.30 -14.15 3.76
N ARG A 372 9.17 -13.28 2.76
CA ARG A 372 7.91 -12.55 2.53
C ARG A 372 6.75 -13.56 2.38
N THR A 373 6.86 -14.48 1.44
CA THR A 373 5.79 -15.47 1.13
C THR A 373 5.44 -16.27 2.40
N ALA A 374 6.43 -16.78 3.14
CA ALA A 374 6.21 -17.56 4.37
C ALA A 374 5.43 -16.74 5.41
N VAL A 375 5.67 -15.43 5.46
CA VAL A 375 5.03 -14.60 6.51
C VAL A 375 3.54 -14.54 6.18
N TYR A 376 3.20 -14.19 4.93
CA TYR A 376 1.82 -14.22 4.42
C TYR A 376 1.19 -15.56 4.77
N HIS A 377 1.88 -16.68 4.50
CA HIS A 377 1.33 -18.04 4.79
C HIS A 377 1.04 -18.20 6.28
N GLU A 378 1.96 -17.74 7.13
CA GLU A 378 1.81 -17.87 8.60
C GLU A 378 0.58 -17.10 9.08
N ILE A 379 0.28 -15.96 8.48
CA ILE A 379 -0.90 -15.15 8.90
C ILE A 379 -2.19 -15.93 8.57
N LEU A 380 -2.29 -16.45 7.33
CA LEU A 380 -3.47 -17.13 6.74
C LEU A 380 -3.70 -18.49 7.43
N ILE A 381 -2.64 -19.28 7.54
CA ILE A 381 -2.65 -20.56 8.32
C ILE A 381 -3.02 -20.22 9.75
N GLY A 382 -2.41 -19.18 10.32
CA GLY A 382 -2.76 -18.72 11.67
C GLY A 382 -4.25 -18.42 11.79
N TYR A 383 -4.82 -17.68 10.82
CA TYR A 383 -6.24 -17.29 10.89
C TYR A 383 -7.15 -18.55 10.83
N LEU A 384 -6.80 -19.54 10.02
CA LEU A 384 -7.58 -20.79 9.84
C LEU A 384 -7.51 -21.60 11.14
N GLU A 385 -6.30 -21.79 11.69
CA GLU A 385 -6.09 -22.41 13.02
C GLU A 385 -7.01 -21.78 14.07
N TYR A 386 -7.05 -20.46 14.13
CA TYR A 386 -7.74 -19.69 15.20
C TYR A 386 -9.25 -19.92 15.11
N VAL A 387 -9.82 -19.86 13.90
CA VAL A 387 -11.30 -19.96 13.74
C VAL A 387 -11.73 -21.41 13.94
N LYS A 388 -10.90 -22.38 13.54
CA LYS A 388 -11.10 -23.82 13.82
C LYS A 388 -11.32 -23.98 15.32
N LYS A 389 -10.35 -23.51 16.13
CA LYS A 389 -10.38 -23.67 17.61
C LYS A 389 -11.66 -23.04 18.17
N LEU A 390 -12.22 -22.00 17.54
CA LEU A 390 -13.48 -21.36 18.02
C LEU A 390 -14.71 -22.20 17.61
N GLY A 391 -14.60 -23.01 16.55
CA GLY A 391 -15.66 -23.93 16.10
C GLY A 391 -16.18 -23.66 14.69
N TYR A 392 -15.46 -22.91 13.85
CA TYR A 392 -15.77 -22.79 12.41
C TYR A 392 -15.30 -24.08 11.74
N THR A 393 -16.08 -24.62 10.81
CA THR A 393 -15.83 -25.96 10.22
C THR A 393 -15.17 -25.80 8.86
N THR A 394 -15.57 -24.77 8.11
CA THR A 394 -15.15 -24.57 6.70
C THR A 394 -14.67 -23.13 6.44
N GLY A 395 -13.58 -23.03 5.71
CA GLY A 395 -13.06 -21.80 5.12
C GLY A 395 -13.27 -21.79 3.62
N HIS A 396 -13.51 -20.60 3.06
CA HIS A 396 -13.75 -20.31 1.62
C HIS A 396 -12.88 -19.14 1.17
N ILE A 397 -12.14 -19.34 0.06
CA ILE A 397 -11.26 -18.34 -0.59
C ILE A 397 -11.61 -18.26 -2.07
N TRP A 398 -12.09 -17.10 -2.53
CA TRP A 398 -12.23 -16.77 -3.97
C TRP A 398 -10.87 -16.24 -4.47
N ALA A 399 -10.04 -17.16 -4.99
CA ALA A 399 -8.67 -16.95 -5.50
C ALA A 399 -8.72 -16.23 -6.85
N CYS A 400 -9.17 -14.97 -6.85
CA CYS A 400 -9.32 -14.14 -8.08
C CYS A 400 -8.44 -12.89 -7.98
N PRO A 401 -7.46 -12.68 -8.88
CA PRO A 401 -6.55 -11.54 -8.76
C PRO A 401 -7.30 -10.23 -8.93
N PRO A 402 -6.79 -9.10 -8.40
CA PRO A 402 -7.45 -7.81 -8.58
C PRO A 402 -7.29 -7.31 -10.02
N SER A 403 -8.12 -6.35 -10.44
CA SER A 403 -7.96 -5.62 -11.72
C SER A 403 -8.56 -4.23 -11.57
N GLU A 404 -7.97 -3.43 -10.67
CA GLU A 404 -8.40 -2.03 -10.37
C GLU A 404 -7.19 -1.10 -10.54
N GLY A 405 -6.36 -1.35 -11.56
CA GLY A 405 -5.11 -0.61 -11.80
C GLY A 405 -4.07 -0.94 -10.75
N ASP A 406 -3.58 0.08 -10.03
CA ASP A 406 -2.54 -0.09 -8.98
C ASP A 406 -3.19 -0.05 -7.57
N ASP A 407 -4.52 -0.21 -7.47
CA ASP A 407 -5.33 -0.19 -6.22
C ASP A 407 -6.02 -1.54 -5.97
N TYR A 408 -6.41 -1.78 -4.70
CA TYR A 408 -7.33 -2.86 -4.20
C TYR A 408 -7.75 -2.61 -2.74
N ILE A 409 -6.93 -2.97 -1.74
CA ILE A 409 -7.00 -2.40 -0.35
C ILE A 409 -6.03 -1.20 -0.30
N PHE A 410 -4.79 -1.41 -0.73
CA PHE A 410 -3.73 -0.38 -0.72
C PHE A 410 -3.80 0.41 -2.02
N HIS A 411 -3.81 1.71 -1.88
CA HIS A 411 -3.80 2.71 -2.96
C HIS A 411 -2.40 2.78 -3.56
N CYS A 412 -2.27 2.56 -4.88
CA CYS A 412 -1.04 2.86 -5.67
CA CYS A 412 -1.04 2.86 -5.67
C CYS A 412 0.11 1.94 -5.24
N HIS A 413 0.05 0.68 -5.65
CA HIS A 413 1.06 -0.34 -5.36
C HIS A 413 2.34 0.08 -6.07
N PRO A 414 3.51 -0.47 -5.67
CA PRO A 414 4.75 -0.22 -6.39
C PRO A 414 4.54 -0.61 -7.84
N PRO A 415 5.06 0.16 -8.82
CA PRO A 415 4.86 -0.16 -10.24
C PRO A 415 5.53 -1.49 -10.61
N ASP A 416 6.54 -1.94 -9.85
CA ASP A 416 7.24 -3.22 -10.13
C ASP A 416 6.69 -4.32 -9.22
N GLN A 417 5.55 -4.13 -8.59
CA GLN A 417 4.89 -5.24 -7.86
C GLN A 417 3.84 -5.84 -8.78
N LYS A 418 4.17 -6.99 -9.39
CA LYS A 418 3.34 -7.65 -10.43
C LYS A 418 2.14 -8.32 -9.77
N ILE A 419 0.94 -8.06 -10.27
CA ILE A 419 -0.30 -8.84 -9.97
C ILE A 419 -0.08 -10.25 -10.53
N PRO A 420 -0.31 -11.31 -9.72
CA PRO A 420 -0.16 -12.68 -10.21
C PRO A 420 -1.28 -13.05 -11.18
N LYS A 421 -0.95 -13.84 -12.22
CA LYS A 421 -1.94 -14.48 -13.12
C LYS A 421 -2.72 -15.52 -12.31
N PRO A 422 -4.00 -15.81 -12.70
CA PRO A 422 -4.83 -16.83 -12.03
C PRO A 422 -4.12 -18.11 -11.60
N LYS A 423 -3.30 -18.69 -12.48
CA LYS A 423 -2.56 -19.97 -12.25
C LYS A 423 -1.60 -19.80 -11.06
N ARG A 424 -0.78 -18.74 -11.05
CA ARG A 424 0.27 -18.51 -10.00
C ARG A 424 -0.42 -18.26 -8.64
N LEU A 425 -1.55 -17.54 -8.65
CA LEU A 425 -2.31 -17.23 -7.42
C LEU A 425 -2.91 -18.53 -6.85
N GLN A 426 -3.41 -19.40 -7.72
CA GLN A 426 -3.97 -20.71 -7.33
C GLN A 426 -2.84 -21.58 -6.77
N GLU A 427 -1.67 -21.55 -7.38
CA GLU A 427 -0.51 -22.37 -6.93
C GLU A 427 -0.05 -21.87 -5.56
N TRP A 428 -0.21 -20.57 -5.30
CA TRP A 428 0.22 -19.91 -4.03
C TRP A 428 -0.73 -20.31 -2.90
N PHE A 429 -2.04 -20.22 -3.09
CA PHE A 429 -3.03 -20.71 -2.09
C PHE A 429 -2.87 -22.22 -1.89
N LYS A 430 -2.69 -22.98 -2.97
CA LYS A 430 -2.46 -24.45 -2.89
C LYS A 430 -1.31 -24.71 -1.92
N LYS A 431 -0.17 -24.03 -2.10
CA LYS A 431 1.07 -24.26 -1.33
C LYS A 431 0.82 -24.00 0.16
N MET A 432 0.08 -22.92 0.46
CA MET A 432 -0.26 -22.44 1.83
C MET A 432 -1.10 -23.50 2.54
N LEU A 433 -2.07 -24.08 1.81
CA LEU A 433 -3.03 -25.10 2.32
C LEU A 433 -2.33 -26.45 2.50
N ASP A 434 -1.28 -26.75 1.74
CA ASP A 434 -0.48 -28.00 1.88
C ASP A 434 0.32 -27.94 3.19
N LYS A 435 0.84 -26.76 3.52
CA LYS A 435 1.57 -26.54 4.80
C LYS A 435 0.59 -26.69 5.98
N ALA A 436 -0.65 -26.23 5.80
CA ALA A 436 -1.72 -26.29 6.82
C ALA A 436 -2.16 -27.74 7.07
N VAL A 437 -2.11 -28.58 6.04
CA VAL A 437 -2.32 -30.05 6.17
C VAL A 437 -1.18 -30.64 6.99
N SER A 438 0.07 -30.48 6.52
CA SER A 438 1.31 -30.92 7.23
C SER A 438 1.22 -30.61 8.73
N GLU A 439 0.57 -29.50 9.11
CA GLU A 439 0.46 -29.07 10.52
C GLU A 439 -0.81 -29.62 11.17
N ARG A 440 -1.63 -30.37 10.42
CA ARG A 440 -2.91 -30.94 10.91
C ARG A 440 -3.85 -29.80 11.32
N ILE A 441 -3.76 -28.63 10.67
CA ILE A 441 -4.74 -27.51 10.86
C ILE A 441 -5.87 -27.66 9.82
N VAL A 442 -5.52 -27.83 8.54
CA VAL A 442 -6.50 -28.20 7.49
C VAL A 442 -6.59 -29.72 7.39
N HIS A 443 -7.78 -30.30 7.58
CA HIS A 443 -8.03 -31.75 7.41
C HIS A 443 -7.91 -32.10 5.92
N ASP A 444 -8.56 -31.32 5.05
CA ASP A 444 -8.53 -31.51 3.57
C ASP A 444 -9.15 -30.28 2.90
N TYR A 445 -8.81 -30.06 1.63
CA TYR A 445 -9.36 -28.96 0.81
C TYR A 445 -9.52 -29.44 -0.64
N LYS A 446 -10.42 -28.81 -1.39
CA LYS A 446 -10.82 -29.20 -2.78
C LYS A 446 -11.42 -27.98 -3.47
N ASP A 447 -11.49 -28.02 -4.81
CA ASP A 447 -12.21 -27.03 -5.66
C ASP A 447 -13.71 -27.22 -5.40
N ILE A 448 -14.52 -26.20 -5.66
CA ILE A 448 -15.99 -26.19 -5.33
C ILE A 448 -16.71 -27.30 -6.13
N PHE A 449 -16.22 -27.63 -7.34
CA PHE A 449 -16.73 -28.74 -8.19
C PHE A 449 -16.64 -30.05 -7.38
N LYS A 450 -15.43 -30.52 -7.07
CA LYS A 450 -15.15 -31.82 -6.39
C LYS A 450 -15.78 -31.87 -4.99
N GLN A 451 -16.15 -30.74 -4.37
CA GLN A 451 -16.76 -30.67 -3.00
C GLN A 451 -18.30 -30.57 -3.13
N ALA A 452 -18.80 -30.00 -4.24
CA ALA A 452 -20.24 -30.00 -4.60
C ALA A 452 -20.66 -31.42 -4.99
N THR A 453 -19.81 -32.12 -5.77
CA THR A 453 -19.96 -33.55 -6.12
C THR A 453 -20.05 -34.37 -4.82
N GLU A 454 -19.06 -34.20 -3.92
CA GLU A 454 -18.88 -35.01 -2.68
C GLU A 454 -19.94 -34.63 -1.62
N ASP A 455 -20.54 -33.44 -1.71
CA ASP A 455 -21.66 -32.98 -0.85
C ASP A 455 -22.99 -33.46 -1.45
N SER A 459 -29.09 -28.94 -5.60
CA SER A 459 -29.58 -27.64 -6.14
C SER A 459 -28.64 -26.50 -5.72
N ALA A 460 -28.78 -25.34 -6.39
CA ALA A 460 -28.00 -24.10 -6.12
C ALA A 460 -28.40 -23.48 -4.77
N LYS A 461 -29.44 -23.99 -4.11
CA LYS A 461 -29.91 -23.55 -2.77
C LYS A 461 -28.88 -23.95 -1.69
N GLU A 462 -28.03 -24.94 -1.97
CA GLU A 462 -27.12 -25.59 -0.99
C GLU A 462 -25.71 -24.97 -1.03
N LEU A 463 -25.43 -24.02 -1.94
CA LEU A 463 -24.13 -23.28 -2.02
C LEU A 463 -24.14 -22.17 -0.98
N PRO A 464 -23.06 -22.02 -0.16
CA PRO A 464 -22.94 -20.87 0.75
C PRO A 464 -22.98 -19.53 -0.02
N TYR A 465 -23.68 -18.56 0.56
CA TYR A 465 -24.11 -17.27 -0.07
C TYR A 465 -23.42 -16.13 0.69
N PHE A 466 -22.30 -15.61 0.16
CA PHE A 466 -21.39 -14.65 0.84
C PHE A 466 -21.51 -13.26 0.19
N GLU A 467 -21.49 -12.20 1.02
CA GLU A 467 -21.55 -10.77 0.60
C GLU A 467 -20.45 -10.43 -0.42
N GLY A 468 -20.84 -9.98 -1.61
CA GLY A 468 -19.91 -9.54 -2.67
C GLY A 468 -19.22 -10.69 -3.39
N ASP A 469 -19.59 -11.96 -3.15
CA ASP A 469 -18.96 -13.14 -3.81
C ASP A 469 -19.47 -13.28 -5.25
N PHE A 470 -18.72 -14.02 -6.08
CA PHE A 470 -19.05 -14.41 -7.47
C PHE A 470 -20.43 -15.07 -7.55
N TRP A 471 -20.74 -15.94 -6.58
CA TRP A 471 -21.82 -16.98 -6.69
C TRP A 471 -23.21 -16.35 -6.65
N PRO A 472 -23.58 -15.50 -5.67
CA PRO A 472 -24.85 -14.76 -5.73
C PRO A 472 -25.10 -14.06 -7.08
N ASN A 473 -24.13 -13.29 -7.57
CA ASN A 473 -24.20 -12.48 -8.81
C ASN A 473 -24.42 -13.37 -10.04
N VAL A 474 -23.82 -14.57 -10.07
CA VAL A 474 -23.84 -15.47 -11.26
C VAL A 474 -25.16 -16.25 -11.30
N LEU A 475 -25.76 -16.53 -10.14
CA LEU A 475 -27.07 -17.24 -10.06
C LEU A 475 -28.19 -16.28 -10.48
N GLU A 476 -27.95 -14.97 -10.42
CA GLU A 476 -28.89 -13.91 -10.87
C GLU A 476 -28.87 -13.80 -12.40
N GLU A 477 -27.68 -13.85 -13.01
CA GLU A 477 -27.46 -13.91 -14.48
C GLU A 477 -28.28 -15.08 -15.07
N SER A 478 -28.43 -16.19 -14.33
CA SER A 478 -29.27 -17.37 -14.71
C SER A 478 -30.75 -17.06 -14.47
N ILE A 479 -31.17 -17.05 -13.19
CA ILE A 479 -32.58 -16.81 -12.74
C ILE A 479 -33.01 -15.41 -13.17
N LEU A 489 -25.72 -24.20 -13.08
CA LEU A 489 -25.57 -24.80 -11.74
C LEU A 489 -24.28 -25.62 -11.67
N TYR A 490 -24.34 -26.92 -11.98
CA TYR A 490 -23.16 -27.84 -12.09
C TYR A 490 -22.31 -27.45 -13.31
N ALA A 491 -22.96 -26.94 -14.36
CA ALA A 491 -22.36 -26.42 -15.60
C ALA A 491 -21.25 -25.40 -15.27
N THR A 492 -21.58 -24.44 -14.40
CA THR A 492 -20.75 -23.24 -14.08
C THR A 492 -19.60 -23.58 -13.12
N MET A 493 -19.82 -24.50 -12.18
CA MET A 493 -18.84 -24.90 -11.12
C MET A 493 -17.62 -25.59 -11.75
N GLU A 494 -17.78 -26.22 -12.91
CA GLU A 494 -16.72 -26.99 -13.61
C GLU A 494 -15.75 -26.02 -14.31
N LYS A 495 -16.28 -25.06 -15.09
CA LYS A 495 -15.47 -24.11 -15.92
C LYS A 495 -14.73 -23.12 -15.00
N HIS A 496 -15.25 -22.83 -13.80
CA HIS A 496 -14.62 -21.99 -12.75
C HIS A 496 -14.49 -22.77 -11.43
N LYS A 497 -13.64 -23.80 -11.39
CA LYS A 497 -13.49 -24.74 -10.25
C LYS A 497 -12.20 -24.42 -9.48
N GLU A 498 -11.11 -24.13 -10.19
CA GLU A 498 -9.74 -23.96 -9.62
C GLU A 498 -9.64 -22.64 -8.84
N VAL A 499 -10.55 -21.69 -9.08
CA VAL A 499 -10.58 -20.34 -8.45
C VAL A 499 -11.34 -20.37 -7.11
N PHE A 500 -12.09 -21.44 -6.81
CA PHE A 500 -12.86 -21.55 -5.54
C PHE A 500 -12.32 -22.70 -4.70
N PHE A 501 -11.63 -22.35 -3.62
CA PHE A 501 -11.12 -23.29 -2.62
C PHE A 501 -12.20 -23.47 -1.55
N VAL A 502 -12.45 -24.72 -1.17
CA VAL A 502 -13.24 -25.10 0.03
C VAL A 502 -12.30 -25.86 0.96
N ILE A 503 -12.20 -25.38 2.20
CA ILE A 503 -11.15 -25.79 3.17
C ILE A 503 -11.87 -26.40 4.39
N ARG A 504 -11.85 -27.73 4.50
CA ARG A 504 -12.44 -28.46 5.65
C ARG A 504 -11.47 -28.31 6.84
N LEU A 505 -11.94 -27.64 7.90
CA LEU A 505 -11.21 -27.44 9.18
C LEU A 505 -11.66 -28.50 10.20
N ILE A 506 -12.96 -28.73 10.28
CA ILE A 506 -13.61 -29.75 11.16
C ILE A 506 -14.49 -30.61 10.27
N ALA A 507 -14.09 -31.85 10.01
CA ALA A 507 -14.79 -32.80 9.11
C ALA A 507 -15.37 -33.94 9.94
N GLY A 508 -16.44 -34.55 9.42
CA GLY A 508 -17.06 -35.79 9.94
C GLY A 508 -17.70 -35.60 11.32
N PRO A 509 -17.69 -36.65 12.18
CA PRO A 509 -18.33 -36.59 13.50
C PRO A 509 -18.06 -35.33 14.35
N ALA A 510 -16.78 -34.96 14.55
CA ALA A 510 -16.33 -33.79 15.36
C ALA A 510 -17.20 -32.56 15.10
N ALA A 511 -17.68 -32.36 13.87
CA ALA A 511 -18.47 -31.18 13.43
C ALA A 511 -19.88 -31.17 14.05
N ASN A 512 -20.42 -32.34 14.41
CA ASN A 512 -21.87 -32.55 14.68
C ASN A 512 -22.25 -32.01 16.07
N SER A 513 -21.43 -32.28 17.09
CA SER A 513 -21.74 -31.95 18.51
C SER A 513 -20.78 -30.86 19.04
N LEU A 514 -20.86 -29.66 18.46
CA LEU A 514 -19.95 -28.53 18.78
C LEU A 514 -20.67 -27.55 19.70
N PRO A 515 -19.94 -26.91 20.64
CA PRO A 515 -20.51 -25.82 21.43
C PRO A 515 -20.88 -24.68 20.49
N PRO A 516 -21.62 -23.65 20.96
CA PRO A 516 -21.78 -22.43 20.17
C PRO A 516 -20.42 -21.73 19.98
N ILE A 517 -20.23 -21.11 18.81
CA ILE A 517 -19.08 -20.21 18.53
C ILE A 517 -19.27 -18.94 19.35
N VAL A 518 -18.38 -18.69 20.32
CA VAL A 518 -18.33 -17.38 21.03
C VAL A 518 -16.99 -16.68 20.68
N ASP A 519 -17.09 -15.51 20.05
CA ASP A 519 -15.95 -14.63 19.70
C ASP A 519 -15.54 -13.89 20.95
N PRO A 520 -14.34 -14.12 21.52
CA PRO A 520 -13.95 -13.43 22.74
C PRO A 520 -13.45 -11.97 22.53
N ASP A 521 -13.42 -11.47 21.30
CA ASP A 521 -12.97 -10.07 21.07
C ASP A 521 -14.21 -9.20 20.93
N PRO A 522 -14.19 -7.97 21.49
CA PRO A 522 -15.29 -7.03 21.37
C PRO A 522 -15.50 -6.56 19.92
N LEU A 523 -16.64 -5.94 19.65
CA LEU A 523 -16.89 -5.22 18.37
C LEU A 523 -15.93 -4.03 18.34
N ILE A 524 -15.42 -3.72 17.15
CA ILE A 524 -14.45 -2.62 16.90
C ILE A 524 -15.04 -1.79 15.78
N PRO A 525 -15.86 -0.76 16.09
CA PRO A 525 -16.49 0.08 15.08
C PRO A 525 -15.42 1.05 14.57
N CYS A 526 -15.42 1.24 13.26
CA CYS A 526 -14.38 1.97 12.51
C CYS A 526 -14.85 2.08 11.06
N ASP A 527 -15.51 3.19 10.71
CA ASP A 527 -16.14 3.37 9.37
C ASP A 527 -15.06 3.33 8.27
N LEU A 528 -13.85 3.79 8.59
CA LEU A 528 -12.73 3.86 7.62
C LEU A 528 -12.38 2.45 7.13
N MET A 529 -12.56 1.44 7.97
CA MET A 529 -12.10 0.07 7.67
C MET A 529 -13.28 -0.89 7.49
N ASP A 530 -14.45 -0.36 7.14
CA ASP A 530 -15.71 -1.11 6.94
C ASP A 530 -15.88 -1.34 5.44
N GLY A 531 -15.47 -2.50 4.94
CA GLY A 531 -15.20 -2.69 3.51
C GLY A 531 -13.97 -1.88 3.11
N ARG A 532 -13.53 -2.03 1.85
CA ARG A 532 -12.22 -1.54 1.39
C ARG A 532 -12.36 -0.15 0.73
N ASP A 533 -13.59 0.28 0.43
CA ASP A 533 -13.88 1.53 -0.32
C ASP A 533 -13.33 2.75 0.44
N ALA A 534 -13.72 2.91 1.72
CA ALA A 534 -13.57 4.13 2.53
C ALA A 534 -12.08 4.51 2.69
N PHE A 535 -11.20 3.52 2.83
CA PHE A 535 -9.74 3.71 2.98
C PHE A 535 -9.12 4.07 1.63
N LEU A 536 -9.52 3.40 0.55
CA LEU A 536 -9.10 3.79 -0.83
C LEU A 536 -9.45 5.24 -1.11
N THR A 537 -10.61 5.68 -0.64
CA THR A 537 -11.09 7.06 -0.87
C THR A 537 -10.20 8.01 -0.09
N LEU A 538 -9.96 7.72 1.19
CA LEU A 538 -9.09 8.62 1.98
C LEU A 538 -7.71 8.68 1.29
N ALA A 539 -7.21 7.54 0.83
CA ALA A 539 -5.82 7.43 0.32
C ALA A 539 -5.71 8.22 -0.99
N ARG A 540 -6.79 8.28 -1.75
CA ARG A 540 -6.88 9.06 -3.01
C ARG A 540 -6.91 10.53 -2.65
N ASP A 541 -7.74 10.92 -1.71
CA ASP A 541 -7.89 12.35 -1.30
CA ASP A 541 -7.88 12.36 -1.32
C ASP A 541 -6.52 12.87 -0.86
N LYS A 542 -5.79 12.09 -0.06
CA LYS A 542 -4.64 12.58 0.74
C LYS A 542 -3.31 12.00 0.23
N HIS A 543 -3.30 11.41 -0.98
CA HIS A 543 -2.09 10.91 -1.68
C HIS A 543 -1.34 9.94 -0.77
N LEU A 544 -2.07 9.03 -0.15
CA LEU A 544 -1.45 7.97 0.66
C LEU A 544 -1.18 6.83 -0.31
N GLU A 545 -0.07 6.96 -1.04
CA GLU A 545 0.44 5.91 -1.95
C GLU A 545 1.22 4.84 -1.17
N PHE A 546 1.31 3.67 -1.75
CA PHE A 546 2.16 2.54 -1.31
C PHE A 546 3.15 2.16 -2.43
N SER A 547 3.59 3.15 -3.22
CA SER A 547 4.26 3.01 -4.54
C SER A 547 5.76 2.88 -4.35
N SER A 548 6.25 3.27 -3.19
CA SER A 548 7.67 3.16 -2.80
C SER A 548 7.74 2.95 -1.29
N LEU A 549 8.89 2.55 -0.76
CA LEU A 549 9.10 2.35 0.70
C LEU A 549 8.78 3.68 1.42
N ARG A 550 9.34 4.80 0.94
CA ARG A 550 9.23 6.11 1.63
C ARG A 550 7.77 6.51 1.61
N ARG A 551 7.09 6.38 0.49
CA ARG A 551 5.65 6.73 0.47
C ARG A 551 4.85 5.74 1.35
N ALA A 552 5.17 4.45 1.32
CA ALA A 552 4.41 3.44 2.10
C ALA A 552 4.59 3.72 3.61
N GLN A 553 5.78 4.18 4.01
CA GLN A 553 6.08 4.61 5.40
C GLN A 553 5.19 5.81 5.77
N TRP A 554 5.04 6.79 4.87
CA TRP A 554 4.23 7.99 5.17
C TRP A 554 2.74 7.61 5.26
N SER A 555 2.27 6.81 4.31
CA SER A 555 0.87 6.32 4.24
C SER A 555 0.56 5.45 5.46
N THR A 556 1.50 4.63 5.93
CA THR A 556 1.34 3.79 7.15
C THR A 556 1.19 4.73 8.35
N MET A 557 2.01 5.78 8.45
CA MET A 557 1.98 6.75 9.56
C MET A 557 0.61 7.42 9.57
N CYS A 558 0.14 7.85 8.40
CA CYS A 558 -1.13 8.61 8.23
C CYS A 558 -2.32 7.70 8.56
N MET A 559 -2.37 6.47 8.06
CA MET A 559 -3.47 5.52 8.36
C MET A 559 -3.52 5.24 9.87
N LEU A 560 -2.37 5.16 10.53
CA LEU A 560 -2.33 4.83 11.97
C LEU A 560 -2.81 6.05 12.76
N VAL A 561 -2.49 7.27 12.31
CA VAL A 561 -3.07 8.46 12.99
C VAL A 561 -4.60 8.40 12.87
N GLU A 562 -5.11 8.11 11.68
CA GLU A 562 -6.58 8.03 11.46
C GLU A 562 -7.16 6.98 12.40
N LEU A 563 -6.54 5.82 12.49
CA LEU A 563 -7.10 4.68 13.28
C LEU A 563 -7.11 5.02 14.78
N HIS A 564 -6.08 5.67 15.28
CA HIS A 564 -5.98 6.09 16.71
C HIS A 564 -6.95 7.23 17.07
N THR A 565 -7.25 8.16 16.15
CA THR A 565 -7.98 9.41 16.49
C THR A 565 -9.44 9.35 16.06
N GLN A 566 -9.93 8.23 15.50
CA GLN A 566 -11.37 8.00 15.23
C GLN A 566 -12.15 8.15 16.54
#